data_1H3O
#
_entry.id   1H3O
#
_cell.length_a   112.940
_cell.length_b   36.825
_cell.length_c   73.948
_cell.angle_alpha   90.00
_cell.angle_beta   97.85
_cell.angle_gamma   90.00
#
_symmetry.space_group_name_H-M   'C 1 2 1'
#
loop_
_entity.id
_entity.type
_entity.pdbx_description
1 polymer 'TRANSCRIPTION INITIATION FACTOR TFIID 135 KDA SUBUNIT'
2 polymer 'TRANSCRIPTION INITIATION FACTOR TFIID 20/15 KDA SUBUNITS'
3 water water
#
loop_
_entity_poly.entity_id
_entity_poly.type
_entity_poly.pdbx_seq_one_letter_code
_entity_poly.pdbx_strand_id
1 'polypeptide(L)' (MSE)FLLQAPLQRRILEIGKKHGITELHPDVVSYVSHATQQRLQNLVEKISETAQQKNFSYKDDDRYEQASDVRAQLK A,C
2 'polypeptide(L)'
;GSH(MSE)VLTKKKLQDLVREVDPNEQLDEDVEE(MSE)LLQIADDFIESVVTAACQLARHRKSSTLEVKDVQLHLERQW
N(MSE)WI
;
B,D
#
# COMPACT_ATOMS: atom_id res chain seq x y z
N MSE A 1 -19.04 13.58 -3.91
CA MSE A 1 -17.57 13.48 -3.69
C MSE A 1 -17.15 12.05 -4.01
O MSE A 1 -17.89 11.11 -3.70
CB MSE A 1 -17.22 13.81 -2.23
CG MSE A 1 -15.75 13.88 -1.92
SE MSE A 1 -15.35 14.53 -0.12
CE MSE A 1 -15.57 16.43 -0.46
N PHE A 2 -15.99 11.88 -4.65
CA PHE A 2 -15.55 10.54 -4.99
C PHE A 2 -15.42 9.71 -3.72
N LEU A 3 -14.67 10.20 -2.74
CA LEU A 3 -14.49 9.49 -1.46
C LEU A 3 -15.62 9.83 -0.46
N LEU A 4 -15.75 8.99 0.57
CA LEU A 4 -16.76 9.19 1.61
C LEU A 4 -16.37 10.35 2.50
N GLN A 5 -17.10 11.45 2.39
CA GLN A 5 -16.81 12.66 3.15
C GLN A 5 -16.57 12.55 4.65
N ALA A 6 -17.54 11.97 5.38
CA ALA A 6 -17.42 11.85 6.83
C ALA A 6 -16.17 11.11 7.32
N PRO A 7 -15.99 9.84 6.92
CA PRO A 7 -14.80 9.11 7.38
C PRO A 7 -13.50 9.71 6.86
N LEU A 8 -13.54 10.27 5.67
CA LEU A 8 -12.34 10.88 5.12
C LEU A 8 -11.93 12.00 6.06
N GLN A 9 -12.90 12.87 6.35
CA GLN A 9 -12.71 14.01 7.25
C GLN A 9 -12.05 13.52 8.53
N ARG A 10 -12.69 12.53 9.16
CA ARG A 10 -12.19 11.95 10.40
C ARG A 10 -10.78 11.37 10.26
N ARG A 11 -10.52 10.65 9.18
CA ARG A 11 -9.20 10.06 9.01
C ARG A 11 -8.11 11.09 8.78
N ILE A 12 -8.45 12.18 8.10
CA ILE A 12 -7.46 13.21 7.85
C ILE A 12 -7.15 13.85 9.19
N LEU A 13 -8.22 14.22 9.89
CA LEU A 13 -8.09 14.82 11.21
C LEU A 13 -7.26 13.91 12.10
N GLU A 14 -7.49 12.60 11.96
CA GLU A 14 -6.78 11.61 12.76
C GLU A 14 -5.30 11.55 12.47
N ILE A 15 -4.92 11.59 11.19
CA ILE A 15 -3.51 11.54 10.81
C ILE A 15 -2.79 12.80 11.28
N GLY A 16 -3.52 13.91 11.28
CA GLY A 16 -2.96 15.18 11.71
C GLY A 16 -2.53 15.19 13.17
N LYS A 17 -3.36 14.63 14.05
CA LYS A 17 -3.03 14.58 15.47
C LYS A 17 -1.64 14.03 15.71
N LYS A 18 -1.29 13.01 14.94
CA LYS A 18 0.02 12.37 15.07
C LYS A 18 1.12 13.27 14.49
N HIS A 19 0.73 14.33 13.81
CA HIS A 19 1.72 15.20 13.18
C HIS A 19 1.54 16.70 13.39
N GLY A 20 1.54 17.09 14.66
CA GLY A 20 1.43 18.48 15.04
C GLY A 20 0.29 19.29 14.46
N ILE A 21 -0.72 18.64 13.90
CA ILE A 21 -1.82 19.40 13.33
C ILE A 21 -3.05 19.30 14.20
N THR A 22 -3.62 20.45 14.49
CA THR A 22 -4.79 20.55 15.34
C THR A 22 -6.06 20.78 14.54
N GLU A 23 -5.96 21.55 13.47
CA GLU A 23 -7.11 21.85 12.62
C GLU A 23 -6.79 21.68 11.15
N LEU A 24 -7.82 21.72 10.33
CA LEU A 24 -7.65 21.59 8.88
C LEU A 24 -8.71 22.42 8.17
N HIS A 25 -8.29 23.20 7.19
CA HIS A 25 -9.22 24.03 6.43
C HIS A 25 -10.29 23.09 5.90
N PRO A 26 -11.55 23.55 5.84
CA PRO A 26 -12.68 22.75 5.35
C PRO A 26 -12.51 21.99 4.03
N ASP A 27 -12.39 22.72 2.92
CA ASP A 27 -12.26 22.08 1.62
C ASP A 27 -11.02 21.22 1.39
N VAL A 28 -10.21 21.06 2.43
CA VAL A 28 -9.02 20.22 2.33
C VAL A 28 -9.47 18.76 2.07
N VAL A 29 -10.60 18.41 2.64
CA VAL A 29 -11.18 17.07 2.50
C VAL A 29 -11.47 16.76 1.03
N SER A 30 -12.19 17.68 0.40
CA SER A 30 -12.55 17.54 -0.98
C SER A 30 -11.29 17.46 -1.84
N TYR A 31 -10.31 18.28 -1.52
CA TYR A 31 -9.07 18.32 -2.27
C TYR A 31 -8.37 16.97 -2.24
N VAL A 32 -8.30 16.39 -1.05
CA VAL A 32 -7.67 15.10 -0.87
C VAL A 32 -8.43 14.03 -1.64
N SER A 33 -9.75 14.14 -1.63
CA SER A 33 -10.63 13.21 -2.34
C SER A 33 -10.35 13.25 -3.83
N HIS A 34 -10.18 14.46 -4.33
CA HIS A 34 -9.90 14.71 -5.74
C HIS A 34 -8.53 14.12 -6.09
N ALA A 35 -7.53 14.39 -5.26
CA ALA A 35 -6.18 13.89 -5.51
C ALA A 35 -6.14 12.35 -5.52
N THR A 36 -6.90 11.74 -4.61
CA THR A 36 -6.96 10.28 -4.51
C THR A 36 -7.65 9.69 -5.72
N GLN A 37 -8.60 10.43 -6.28
CA GLN A 37 -9.33 9.97 -7.45
C GLN A 37 -8.38 9.99 -8.64
N GLN A 38 -7.50 10.98 -8.69
CA GLN A 38 -6.50 11.09 -9.76
C GLN A 38 -5.47 9.99 -9.65
N ARG A 39 -5.00 9.74 -8.42
CA ARG A 39 -4.03 8.69 -8.16
C ARG A 39 -4.59 7.37 -8.71
N LEU A 40 -5.82 7.05 -8.29
CA LEU A 40 -6.44 5.82 -8.75
C LEU A 40 -6.80 5.84 -10.22
N GLN A 41 -7.24 7.00 -10.72
CA GLN A 41 -7.61 7.12 -12.12
C GLN A 41 -6.43 6.80 -13.04
N ASN A 42 -5.24 7.29 -12.68
CA ASN A 42 -4.07 7.03 -13.50
C ASN A 42 -3.70 5.54 -13.48
N LEU A 43 -3.69 4.94 -12.30
CA LEU A 43 -3.34 3.54 -12.20
C LEU A 43 -4.29 2.68 -13.06
N VAL A 44 -5.58 2.93 -12.93
CA VAL A 44 -6.57 2.19 -13.71
C VAL A 44 -6.31 2.37 -15.20
N GLU A 45 -6.11 3.61 -15.64
CA GLU A 45 -5.83 3.88 -17.04
C GLU A 45 -4.60 3.07 -17.46
N LYS A 46 -3.57 3.10 -16.63
CA LYS A 46 -2.34 2.36 -16.93
C LYS A 46 -2.61 0.86 -16.97
N ILE A 47 -3.38 0.37 -16.02
CA ILE A 47 -3.70 -1.05 -15.96
C ILE A 47 -4.45 -1.50 -17.21
N SER A 48 -5.39 -0.68 -17.67
CA SER A 48 -6.17 -1.01 -18.85
C SER A 48 -5.36 -0.90 -20.14
N GLU A 49 -4.26 -0.16 -20.08
CA GLU A 49 -3.40 0.00 -21.25
C GLU A 49 -2.57 -1.26 -21.47
N THR A 50 -1.82 -1.65 -20.55
N HIS B 3 -12.15 2.82 9.30
CA HIS B 3 -13.43 2.89 8.53
C HIS B 3 -13.21 3.17 7.05
N MSE B 4 -14.11 2.64 6.23
CA MSE B 4 -14.08 2.78 4.78
C MSE B 4 -14.22 4.24 4.29
O MSE B 4 -15.15 4.96 4.69
CB MSE B 4 -15.21 1.92 4.20
CG MSE B 4 -15.46 2.02 2.70
SE MSE B 4 -17.15 1.13 2.19
CE MSE B 4 -16.61 -0.70 2.53
N VAL B 5 -13.30 4.68 3.43
CA VAL B 5 -13.36 6.03 2.87
C VAL B 5 -13.74 6.00 1.39
N LEU B 6 -13.69 4.80 0.79
CA LEU B 6 -14.04 4.62 -0.61
C LEU B 6 -14.87 3.35 -0.73
N THR B 7 -15.92 3.39 -1.54
CA THR B 7 -16.77 2.22 -1.72
C THR B 7 -16.45 1.44 -2.99
N LYS B 8 -16.85 0.19 -2.99
CA LYS B 8 -16.64 -0.70 -4.12
C LYS B 8 -17.37 -0.07 -5.30
N LYS B 9 -18.56 0.46 -5.02
CA LYS B 9 -19.39 1.12 -6.02
C LYS B 9 -18.66 2.29 -6.67
N LYS B 10 -18.24 3.24 -5.85
CA LYS B 10 -17.57 4.43 -6.36
C LYS B 10 -16.30 4.03 -7.14
N LEU B 11 -15.59 3.02 -6.66
CA LEU B 11 -14.38 2.51 -7.36
C LEU B 11 -14.77 2.01 -8.75
N GLN B 12 -15.84 1.25 -8.78
CA GLN B 12 -16.32 0.64 -10.01
C GLN B 12 -16.82 1.70 -11.01
N ASP B 13 -17.38 2.78 -10.49
CA ASP B 13 -17.83 3.88 -11.35
C ASP B 13 -16.56 4.46 -11.98
N LEU B 14 -15.51 4.62 -11.16
CA LEU B 14 -14.25 5.15 -11.68
C LEU B 14 -13.76 4.24 -12.79
N VAL B 15 -13.68 2.93 -12.51
CA VAL B 15 -13.26 1.96 -13.50
C VAL B 15 -14.10 2.09 -14.77
N ARG B 16 -15.41 2.08 -14.61
CA ARG B 16 -16.35 2.19 -15.74
C ARG B 16 -16.05 3.44 -16.56
N GLU B 17 -15.80 4.55 -15.88
CA GLU B 17 -15.49 5.81 -16.53
C GLU B 17 -14.30 5.66 -17.48
N VAL B 18 -13.31 4.88 -17.07
CA VAL B 18 -12.13 4.67 -17.90
C VAL B 18 -12.42 3.71 -19.04
N ASP B 19 -13.21 2.69 -18.76
CA ASP B 19 -13.55 1.69 -19.75
C ASP B 19 -14.86 1.06 -19.32
N PRO B 20 -15.99 1.55 -19.88
CA PRO B 20 -17.35 1.11 -19.60
C PRO B 20 -17.58 -0.40 -19.61
N ASN B 21 -16.89 -1.10 -20.49
CA ASN B 21 -17.04 -2.56 -20.54
C ASN B 21 -15.74 -3.16 -20.03
N GLU B 22 -15.68 -3.36 -18.72
CA GLU B 22 -14.50 -3.93 -18.07
C GLU B 22 -14.69 -4.04 -16.57
N GLN B 23 -15.17 -5.19 -16.11
CA GLN B 23 -15.34 -5.42 -14.69
C GLN B 23 -13.97 -5.83 -14.18
N LEU B 24 -13.50 -5.15 -13.13
CA LEU B 24 -12.19 -5.43 -12.56
C LEU B 24 -12.24 -6.57 -11.56
N ASP B 25 -11.16 -7.35 -11.51
CA ASP B 25 -11.09 -8.46 -10.60
C ASP B 25 -11.11 -7.94 -9.17
N GLU B 26 -11.89 -8.59 -8.33
CA GLU B 26 -12.04 -8.20 -6.93
C GLU B 26 -10.69 -7.93 -6.24
N ASP B 27 -9.73 -8.84 -6.43
CA ASP B 27 -8.40 -8.69 -5.84
C ASP B 27 -7.73 -7.39 -6.29
N VAL B 28 -7.98 -7.01 -7.53
CA VAL B 28 -7.40 -5.78 -8.04
C VAL B 28 -8.13 -4.62 -7.39
N GLU B 29 -9.44 -4.79 -7.18
CA GLU B 29 -10.25 -3.76 -6.53
C GLU B 29 -9.70 -3.52 -5.13
N GLU B 30 -9.47 -4.61 -4.38
CA GLU B 30 -8.91 -4.50 -3.03
C GLU B 30 -7.56 -3.83 -3.03
N MSE B 31 -6.70 -4.24 -3.96
CA MSE B 31 -5.35 -3.69 -4.08
C MSE B 31 -5.46 -2.17 -4.25
O MSE B 31 -4.83 -1.42 -3.54
CB MSE B 31 -4.65 -4.30 -5.29
CG MSE B 31 -3.36 -3.58 -5.73
SE MSE B 31 -2.73 -4.28 -7.43
CE MSE B 31 -3.84 -3.17 -8.57
N LEU B 32 -6.28 -1.75 -5.20
CA LEU B 32 -6.47 -0.33 -5.44
C LEU B 32 -7.03 0.38 -4.19
N LEU B 33 -7.97 -0.24 -3.50
CA LEU B 33 -8.52 0.38 -2.31
C LEU B 33 -7.40 0.56 -1.29
N GLN B 34 -6.49 -0.39 -1.27
CA GLN B 34 -5.35 -0.38 -0.39
C GLN B 34 -4.40 0.77 -0.78
N ILE B 35 -4.19 0.94 -2.09
CA ILE B 35 -3.34 2.00 -2.60
C ILE B 35 -3.90 3.39 -2.23
N ALA B 36 -5.22 3.55 -2.29
CA ALA B 36 -5.84 4.83 -1.95
C ALA B 36 -5.53 5.12 -0.49
N ASP B 37 -5.57 4.07 0.34
CA ASP B 37 -5.25 4.22 1.76
C ASP B 37 -3.80 4.70 1.96
N ASP B 38 -2.85 4.03 1.30
CA ASP B 38 -1.45 4.43 1.45
C ASP B 38 -1.26 5.85 0.96
N PHE B 39 -1.96 6.20 -0.13
CA PHE B 39 -1.87 7.54 -0.71
C PHE B 39 -2.34 8.61 0.28
N ILE B 40 -3.52 8.42 0.84
CA ILE B 40 -4.08 9.37 1.80
C ILE B 40 -3.12 9.51 2.98
N GLU B 41 -2.62 8.37 3.43
CA GLU B 41 -1.70 8.32 4.54
C GLU B 41 -0.44 9.14 4.30
N SER B 42 0.28 8.78 3.24
CA SER B 42 1.52 9.45 2.91
C SER B 42 1.33 10.91 2.56
N VAL B 43 0.32 11.22 1.74
CA VAL B 43 0.09 12.60 1.36
C VAL B 43 -0.23 13.49 2.54
N VAL B 44 -1.29 13.17 3.26
CA VAL B 44 -1.70 13.94 4.43
C VAL B 44 -0.57 14.07 5.43
N THR B 45 0.15 12.97 5.63
CA THR B 45 1.26 12.96 6.55
C THR B 45 2.33 13.95 6.11
N ALA B 46 2.72 13.89 4.84
CA ALA B 46 3.74 14.78 4.31
C ALA B 46 3.27 16.23 4.28
N ALA B 47 1.96 16.42 4.11
CA ALA B 47 1.40 17.76 4.06
C ALA B 47 1.51 18.38 5.44
N CYS B 48 1.03 17.65 6.45
CA CYS B 48 1.07 18.11 7.82
C CYS B 48 2.46 18.58 8.19
N GLN B 49 3.47 17.95 7.60
CA GLN B 49 4.84 18.35 7.83
C GLN B 49 5.06 19.74 7.27
N LEU B 50 4.66 19.94 6.01
CA LEU B 50 4.80 21.23 5.36
C LEU B 50 4.12 22.30 6.19
N ALA B 51 2.90 22.01 6.64
CA ALA B 51 2.13 22.95 7.46
C ALA B 51 2.88 23.27 8.73
N ARG B 52 3.23 22.23 9.49
CA ARG B 52 3.95 22.41 10.73
C ARG B 52 5.17 23.30 10.47
N HIS B 53 5.77 23.16 9.30
CA HIS B 53 6.94 23.95 8.92
C HIS B 53 6.58 25.42 8.81
N ARG B 54 5.40 25.71 8.25
CA ARG B 54 4.94 27.09 8.13
C ARG B 54 4.76 27.65 9.53
N LYS B 55 5.13 26.85 10.54
CA LYS B 55 4.98 27.26 11.92
C LYS B 55 3.47 27.34 12.17
N SER B 56 2.72 26.50 11.46
CA SER B 56 1.27 26.47 11.56
C SER B 56 0.76 25.22 12.27
N SER B 57 -0.56 25.11 12.36
CA SER B 57 -1.19 23.97 13.03
C SER B 57 -2.49 23.61 12.34
N THR B 58 -2.84 24.37 11.31
CA THR B 58 -4.06 24.11 10.54
C THR B 58 -3.67 23.58 9.17
N LEU B 59 -4.20 22.40 8.81
CA LEU B 59 -3.90 21.80 7.53
C LEU B 59 -4.64 22.57 6.45
N GLU B 60 -3.91 22.98 5.41
CA GLU B 60 -4.52 23.71 4.31
C GLU B 60 -4.11 23.16 2.95
N VAL B 61 -5.01 23.33 1.97
CA VAL B 61 -4.81 22.87 0.60
C VAL B 61 -3.37 23.13 0.18
N LYS B 62 -2.93 24.36 0.40
CA LYS B 62 -1.58 24.81 0.09
C LYS B 62 -0.60 23.70 0.38
N ASP B 63 -0.68 23.17 1.60
CA ASP B 63 0.19 22.10 2.05
C ASP B 63 0.09 20.84 1.18
N VAL B 64 -1.14 20.35 1.00
CA VAL B 64 -1.33 19.13 0.21
C VAL B 64 -0.87 19.34 -1.23
N GLN B 65 -1.27 20.47 -1.81
CA GLN B 65 -0.91 20.81 -3.18
C GLN B 65 0.60 20.84 -3.38
N LEU B 66 1.31 21.46 -2.44
CA LEU B 66 2.75 21.56 -2.51
C LEU B 66 3.38 20.17 -2.59
N HIS B 67 2.92 19.25 -1.74
CA HIS B 67 3.45 17.90 -1.74
C HIS B 67 3.09 17.16 -3.04
N LEU B 68 1.83 17.25 -3.45
CA LEU B 68 1.39 16.59 -4.68
C LEU B 68 2.24 17.00 -5.89
N GLU B 69 2.44 18.29 -6.01
CA GLU B 69 3.22 18.83 -7.11
C GLU B 69 4.67 18.35 -7.07
N ARG B 70 5.26 18.40 -5.88
CA ARG B 70 6.65 18.00 -5.68
C ARG B 70 6.97 16.52 -5.68
N GLN B 71 6.19 15.72 -4.98
CA GLN B 71 6.47 14.30 -4.92
C GLN B 71 5.65 13.45 -5.90
N TRP B 72 4.56 14.02 -6.39
CA TRP B 72 3.75 13.26 -7.33
C TRP B 72 3.66 13.92 -8.69
N ASN B 73 4.12 15.17 -8.75
CA ASN B 73 4.03 15.93 -9.99
C ASN B 73 2.57 15.96 -10.42
N MSE B 74 1.68 16.01 -9.43
CA MSE B 74 0.24 16.04 -9.70
C MSE B 74 -0.13 17.52 -9.63
O MSE B 74 0.20 18.21 -8.65
CB MSE B 74 -0.52 15.22 -8.65
CG MSE B 74 -2.05 15.21 -8.79
SE MSE B 74 -2.97 13.93 -7.59
CE MSE B 74 -1.68 12.45 -7.82
N TRP B 75 -0.79 18.01 -10.66
CA TRP B 75 -1.18 19.41 -10.70
C TRP B 75 -2.69 19.60 -10.75
N ILE B 76 -3.30 19.69 -9.58
CA ILE B 76 -4.74 19.88 -9.50
C ILE B 76 -5.08 21.00 -8.52
N MSE C 1 16.84 -15.97 -4.32
CA MSE C 1 15.39 -15.84 -4.02
C MSE C 1 14.78 -14.62 -4.71
O MSE C 1 15.49 -13.75 -5.21
CB MSE C 1 15.16 -15.75 -2.50
CG MSE C 1 15.89 -14.61 -1.81
SE MSE C 1 15.36 -14.41 0.04
CE MSE C 1 16.14 -16.01 0.78
N PHE C 2 13.46 -14.57 -4.73
CA PHE C 2 12.75 -13.47 -5.37
C PHE C 2 13.16 -12.12 -4.77
N LEU C 3 13.00 -11.96 -3.46
CA LEU C 3 13.36 -10.70 -2.81
C LEU C 3 14.84 -10.62 -2.45
N LEU C 4 15.31 -9.40 -2.18
CA LEU C 4 16.71 -9.15 -1.79
C LEU C 4 16.91 -9.53 -0.34
N GLN C 5 17.56 -10.67 -0.13
CA GLN C 5 17.79 -11.22 1.20
C GLN C 5 18.31 -10.27 2.27
N ALA C 6 19.42 -9.59 1.98
CA ALA C 6 20.00 -8.68 2.95
C ALA C 6 19.00 -7.65 3.48
N PRO C 7 18.48 -6.77 2.59
CA PRO C 7 17.52 -5.75 3.03
C PRO C 7 16.22 -6.35 3.59
N LEU C 8 15.83 -7.51 3.09
CA LEU C 8 14.61 -8.14 3.59
C LEU C 8 14.83 -8.55 5.05
N GLN C 9 15.92 -9.25 5.30
CA GLN C 9 16.26 -9.69 6.65
C GLN C 9 16.21 -8.52 7.63
N ARG C 10 16.92 -7.45 7.28
CA ARG C 10 16.95 -6.26 8.10
C ARG C 10 15.55 -5.81 8.43
N ARG C 11 14.74 -5.59 7.39
CA ARG C 11 13.38 -5.13 7.56
C ARG C 11 12.53 -6.01 8.49
N ILE C 12 12.56 -7.33 8.27
CA ILE C 12 11.79 -8.22 9.11
C ILE C 12 12.19 -8.05 10.58
N LEU C 13 13.50 -7.97 10.80
CA LEU C 13 14.00 -7.78 12.17
C LEU C 13 13.58 -6.41 12.71
N GLU C 14 13.50 -5.43 11.82
CA GLU C 14 13.09 -4.08 12.18
C GLU C 14 11.68 -4.14 12.73
N ILE C 15 10.78 -4.70 11.93
CA ILE C 15 9.39 -4.85 12.32
C ILE C 15 9.31 -5.68 13.59
N GLY C 16 10.25 -6.61 13.71
CA GLY C 16 10.31 -7.48 14.86
C GLY C 16 10.53 -6.77 16.19
N LYS C 17 11.63 -6.00 16.29
CA LYS C 17 11.91 -5.28 17.52
C LYS C 17 10.69 -4.51 17.97
N LYS C 18 9.93 -4.02 17.00
CA LYS C 18 8.73 -3.25 17.28
C LYS C 18 7.70 -4.06 18.07
N HIS C 19 7.68 -5.37 17.86
CA HIS C 19 6.71 -6.18 18.58
C HIS C 19 7.24 -7.20 19.57
N GLY C 20 8.51 -7.07 19.95
CA GLY C 20 9.08 -7.98 20.92
C GLY C 20 9.96 -9.07 20.35
N ILE C 21 9.80 -9.38 19.08
CA ILE C 21 10.60 -10.42 18.47
C ILE C 21 12.04 -9.94 18.34
N THR C 22 12.95 -10.71 18.93
CA THR C 22 14.36 -10.37 18.93
C THR C 22 15.19 -11.27 18.01
N GLU C 23 14.59 -12.38 17.57
CA GLU C 23 15.28 -13.31 16.67
C GLU C 23 14.31 -13.95 15.69
N LEU C 24 14.87 -14.55 14.64
CA LEU C 24 14.06 -15.21 13.63
C LEU C 24 14.82 -16.35 12.97
N HIS C 25 14.13 -17.45 12.71
CA HIS C 25 14.74 -18.59 12.06
C HIS C 25 15.04 -18.18 10.62
N PRO C 26 16.31 -18.24 10.21
CA PRO C 26 16.76 -17.88 8.86
C PRO C 26 15.87 -18.23 7.65
N ASP C 27 15.26 -19.42 7.65
CA ASP C 27 14.41 -19.78 6.51
C ASP C 27 13.12 -18.96 6.47
N VAL C 28 12.85 -18.23 7.55
CA VAL C 28 11.67 -17.38 7.65
C VAL C 28 11.74 -16.27 6.60
N VAL C 29 12.96 -15.78 6.36
CA VAL C 29 13.19 -14.73 5.40
C VAL C 29 12.80 -15.23 4.01
N SER C 30 13.18 -16.47 3.71
CA SER C 30 12.88 -17.07 2.42
C SER C 30 11.38 -17.31 2.29
N TYR C 31 10.74 -17.61 3.41
CA TYR C 31 9.31 -17.87 3.39
C TYR C 31 8.56 -16.59 3.02
N VAL C 32 8.92 -15.50 3.66
CA VAL C 32 8.33 -14.19 3.41
C VAL C 32 8.51 -13.77 1.96
N SER C 33 9.68 -14.09 1.40
CA SER C 33 10.00 -13.75 0.02
C SER C 33 9.13 -14.56 -0.93
N HIS C 34 8.97 -15.84 -0.64
CA HIS C 34 8.13 -16.70 -1.46
C HIS C 34 6.69 -16.16 -1.41
N ALA C 35 6.16 -15.96 -0.21
CA ALA C 35 4.80 -15.44 -0.03
C ALA C 35 4.58 -14.11 -0.78
N THR C 36 5.52 -13.20 -0.62
CA THR C 36 5.44 -11.89 -1.27
C THR C 36 5.39 -12.08 -2.78
N GLN C 37 6.12 -13.08 -3.25
CA GLN C 37 6.17 -13.42 -4.67
C GLN C 37 4.78 -13.90 -5.08
N GLN C 38 4.19 -14.72 -4.23
CA GLN C 38 2.85 -15.26 -4.47
C GLN C 38 1.81 -14.15 -4.56
N ARG C 39 1.90 -13.23 -3.60
CA ARG C 39 0.99 -12.09 -3.55
C ARG C 39 1.07 -11.33 -4.87
N LEU C 40 2.27 -10.96 -5.27
CA LEU C 40 2.44 -10.21 -6.51
C LEU C 40 2.05 -11.03 -7.73
N GLN C 41 2.38 -12.31 -7.70
CA GLN C 41 2.05 -13.17 -8.84
C GLN C 41 0.54 -13.16 -9.08
N ASN C 42 -0.24 -13.32 -8.02
CA ASN C 42 -1.69 -13.31 -8.15
C ASN C 42 -2.19 -11.99 -8.74
N LEU C 43 -1.69 -10.88 -8.21
CA LEU C 43 -2.14 -9.58 -8.71
C LEU C 43 -1.82 -9.39 -10.19
N VAL C 44 -0.62 -9.78 -10.59
CA VAL C 44 -0.20 -9.63 -11.97
C VAL C 44 -1.02 -10.49 -12.91
N GLU C 45 -1.39 -11.70 -12.46
CA GLU C 45 -2.21 -12.56 -13.31
C GLU C 45 -3.57 -11.91 -13.44
N LYS C 46 -4.12 -11.46 -12.30
CA LYS C 46 -5.42 -10.81 -12.27
C LYS C 46 -5.41 -9.58 -13.15
N ILE C 47 -4.31 -8.84 -13.13
CA ILE C 47 -4.19 -7.64 -13.95
C ILE C 47 -4.16 -7.99 -15.44
N SER C 48 -3.59 -9.14 -15.78
CA SER C 48 -3.51 -9.55 -17.18
C SER C 48 -4.83 -10.07 -17.69
N GLU C 49 -5.61 -10.66 -16.82
CA GLU C 49 -6.93 -11.16 -17.20
C GLU C 49 -7.79 -10.00 -17.66
N THR C 50 -7.96 -9.05 -16.87
N HIS D 3 14.54 -0.22 3.19
CA HIS D 3 15.14 0.00 1.84
C HIS D 3 14.76 -1.12 0.86
N MSE D 4 14.87 -0.82 -0.43
CA MSE D 4 14.54 -1.75 -1.52
C MSE D 4 14.77 -3.24 -1.27
O MSE D 4 15.92 -3.71 -1.26
CB MSE D 4 15.30 -1.33 -2.78
CG MSE D 4 15.00 -2.20 -4.00
SE MSE D 4 16.18 -1.88 -5.53
CE MSE D 4 15.27 -0.33 -6.27
N VAL D 5 13.69 -3.99 -1.09
CA VAL D 5 13.79 -5.43 -0.88
C VAL D 5 13.47 -6.14 -2.19
N LEU D 6 12.97 -5.38 -3.16
CA LEU D 6 12.62 -5.93 -4.47
C LEU D 6 13.13 -5.01 -5.58
N THR D 7 13.76 -5.59 -6.58
CA THR D 7 14.30 -4.83 -7.72
C THR D 7 13.29 -4.85 -8.86
N LYS D 8 13.32 -3.83 -9.71
CA LYS D 8 12.40 -3.79 -10.83
C LYS D 8 12.71 -4.91 -11.82
N LYS D 9 13.94 -5.42 -11.77
CA LYS D 9 14.32 -6.50 -12.66
C LYS D 9 13.52 -7.73 -12.25
N LYS D 10 13.57 -8.05 -10.96
CA LYS D 10 12.86 -9.20 -10.41
C LYS D 10 11.38 -9.08 -10.77
N LEU D 11 10.78 -7.98 -10.36
CA LEU D 11 9.38 -7.70 -10.64
C LEU D 11 9.11 -7.99 -12.11
N GLN D 12 9.98 -7.45 -12.97
CA GLN D 12 9.84 -7.63 -14.40
C GLN D 12 9.98 -9.10 -14.78
N ASP D 13 10.83 -9.83 -14.08
CA ASP D 13 11.01 -11.25 -14.35
C ASP D 13 9.71 -11.98 -13.98
N LEU D 14 9.15 -11.62 -12.83
CA LEU D 14 7.90 -12.21 -12.36
C LEU D 14 6.86 -11.95 -13.45
N VAL D 15 6.74 -10.70 -13.85
CA VAL D 15 5.77 -10.31 -14.86
C VAL D 15 5.93 -11.11 -16.15
N ARG D 16 7.17 -11.31 -16.60
CA ARG D 16 7.39 -12.05 -17.83
C ARG D 16 6.95 -13.52 -17.73
N GLU D 17 7.19 -14.15 -16.60
CA GLU D 17 6.82 -15.54 -16.42
C GLU D 17 5.30 -15.76 -16.33
N VAL D 18 4.54 -14.68 -16.41
CA VAL D 18 3.08 -14.76 -16.39
C VAL D 18 2.58 -14.44 -17.79
N ASP D 19 3.25 -13.50 -18.45
CA ASP D 19 2.91 -13.08 -19.80
C ASP D 19 4.14 -12.36 -20.38
N PRO D 20 4.94 -13.08 -21.17
CA PRO D 20 6.17 -12.63 -21.83
C PRO D 20 6.04 -11.37 -22.69
N ASN D 21 5.01 -11.32 -23.52
CA ASN D 21 4.79 -10.17 -24.39
C ASN D 21 4.50 -8.93 -23.55
N GLU D 22 3.84 -9.16 -22.43
CA GLU D 22 3.46 -8.11 -21.50
C GLU D 22 4.58 -7.35 -20.80
N GLN D 23 4.48 -6.03 -20.84
CA GLN D 23 5.44 -5.15 -20.19
C GLN D 23 4.62 -4.05 -19.51
N LEU D 24 4.66 -4.02 -18.19
CA LEU D 24 3.92 -3.06 -17.38
C LEU D 24 4.48 -1.65 -17.38
N ASP D 25 3.59 -0.68 -17.16
CA ASP D 25 3.95 0.72 -17.11
C ASP D 25 4.69 0.99 -15.81
N GLU D 26 5.75 1.79 -15.89
CA GLU D 26 6.54 2.10 -14.72
C GLU D 26 5.64 2.38 -13.50
N ASP D 27 4.54 3.10 -13.71
CA ASP D 27 3.61 3.45 -12.62
C ASP D 27 3.01 2.25 -11.90
N VAL D 28 2.62 1.25 -12.67
CA VAL D 28 2.02 0.04 -12.11
C VAL D 28 3.09 -0.75 -11.35
N GLU D 29 4.31 -0.74 -11.88
CA GLU D 29 5.44 -1.44 -11.24
C GLU D 29 5.62 -0.86 -9.85
N GLU D 30 5.68 0.47 -9.78
CA GLU D 30 5.84 1.20 -8.52
C GLU D 30 4.74 0.79 -7.55
N MSE D 31 3.49 0.87 -8.02
CA MSE D 31 2.33 0.47 -7.22
C MSE D 31 2.53 -0.92 -6.64
O MSE D 31 2.31 -1.15 -5.45
CB MSE D 31 1.06 0.49 -8.09
CG MSE D 31 -0.09 -0.34 -7.52
SE MSE D 31 -1.46 -0.50 -8.84
CE MSE D 31 -0.83 -2.13 -9.70
N LEU D 32 2.94 -1.87 -7.48
CA LEU D 32 3.17 -3.23 -7.01
C LEU D 32 4.33 -3.28 -6.02
N LEU D 33 5.34 -2.44 -6.23
CA LEU D 33 6.47 -2.45 -5.31
C LEU D 33 5.93 -1.97 -3.97
N GLN D 34 4.99 -1.04 -4.02
CA GLN D 34 4.39 -0.55 -2.79
C GLN D 34 3.53 -1.63 -2.15
N ILE D 35 2.81 -2.40 -2.96
CA ILE D 35 1.96 -3.47 -2.43
C ILE D 35 2.82 -4.52 -1.70
N ALA D 36 4.00 -4.80 -2.25
CA ALA D 36 4.91 -5.77 -1.63
C ALA D 36 5.32 -5.26 -0.26
N ASP D 37 5.56 -3.95 -0.16
CA ASP D 37 5.94 -3.34 1.10
C ASP D 37 4.79 -3.44 2.10
N ASP D 38 3.58 -3.19 1.64
CA ASP D 38 2.42 -3.27 2.52
C ASP D 38 2.24 -4.70 3.01
N PHE D 39 2.41 -5.65 2.10
CA PHE D 39 2.27 -7.08 2.40
C PHE D 39 3.29 -7.54 3.44
N ILE D 40 4.56 -7.28 3.18
CA ILE D 40 5.63 -7.67 4.08
C ILE D 40 5.40 -7.09 5.46
N GLU D 41 4.96 -5.83 5.50
CA GLU D 41 4.70 -5.13 6.74
C GLU D 41 3.53 -5.72 7.54
N SER D 42 2.40 -5.96 6.86
CA SER D 42 1.24 -6.51 7.56
C SER D 42 1.48 -7.96 7.93
N VAL D 43 2.08 -8.72 7.03
CA VAL D 43 2.33 -10.13 7.32
C VAL D 43 3.34 -10.32 8.47
N VAL D 44 4.48 -9.64 8.39
CA VAL D 44 5.49 -9.77 9.43
C VAL D 44 4.97 -9.28 10.77
N THR D 45 4.22 -8.18 10.74
CA THR D 45 3.64 -7.64 11.96
C THR D 45 2.68 -8.65 12.57
N ALA D 46 1.80 -9.21 11.75
CA ALA D 46 0.83 -10.19 12.24
C ALA D 46 1.51 -11.47 12.71
N ALA D 47 2.48 -11.96 11.97
CA ALA D 47 3.18 -13.17 12.36
C ALA D 47 3.75 -12.97 13.77
N CYS D 48 4.24 -11.77 14.04
CA CYS D 48 4.80 -11.45 15.35
C CYS D 48 3.75 -11.51 16.45
N GLN D 49 2.51 -11.13 16.13
CA GLN D 49 1.43 -11.20 17.11
C GLN D 49 1.24 -12.67 17.47
N LEU D 50 1.36 -13.53 16.45
CA LEU D 50 1.21 -14.96 16.63
C LEU D 50 2.35 -15.54 17.46
N ALA D 51 3.58 -15.31 17.02
CA ALA D 51 4.75 -15.81 17.74
C ALA D 51 4.63 -15.41 19.20
N ARG D 52 4.13 -14.21 19.43
CA ARG D 52 3.94 -13.71 20.79
C ARG D 52 2.87 -14.56 21.47
N HIS D 53 1.75 -14.75 20.80
CA HIS D 53 0.64 -15.53 21.32
C HIS D 53 1.07 -16.91 21.80
N ARG D 54 2.07 -17.50 21.14
CA ARG D 54 2.57 -18.80 21.55
C ARG D 54 3.69 -18.59 22.55
N LYS D 55 3.61 -17.47 23.26
CA LYS D 55 4.58 -17.10 24.29
C LYS D 55 6.04 -17.22 23.86
N SER D 56 6.32 -16.89 22.60
CA SER D 56 7.69 -16.96 22.09
C SER D 56 8.30 -15.58 21.89
N SER D 57 9.60 -15.57 21.64
CA SER D 57 10.34 -14.34 21.41
C SER D 57 10.93 -14.34 20.03
N THR D 58 10.88 -15.52 19.39
CA THR D 58 11.42 -15.67 18.04
C THR D 58 10.33 -15.89 17.01
N LEU D 59 10.50 -15.28 15.84
CA LEU D 59 9.55 -15.39 14.76
C LEU D 59 9.96 -16.59 13.92
N GLU D 60 8.98 -17.47 13.66
CA GLU D 60 9.24 -18.68 12.89
C GLU D 60 8.26 -18.87 11.76
N VAL D 61 8.68 -19.62 10.75
CA VAL D 61 7.87 -19.93 9.59
C VAL D 61 6.43 -20.27 9.98
N LYS D 62 6.27 -21.13 10.97
CA LYS D 62 4.95 -21.55 11.45
C LYS D 62 4.06 -20.34 11.70
N ASP D 63 4.64 -19.29 12.28
CA ASP D 63 3.90 -18.07 12.58
C ASP D 63 3.39 -17.37 11.32
N VAL D 64 4.30 -17.13 10.39
CA VAL D 64 3.95 -16.46 9.14
C VAL D 64 2.96 -17.30 8.36
N GLN D 65 3.21 -18.61 8.29
CA GLN D 65 2.36 -19.53 7.56
C GLN D 65 0.93 -19.57 8.12
N LEU D 66 0.80 -19.47 9.44
CA LEU D 66 -0.51 -19.50 10.06
C LEU D 66 -1.32 -18.28 9.63
N HIS D 67 -0.72 -17.10 9.72
CA HIS D 67 -1.40 -15.86 9.32
C HIS D 67 -1.73 -15.91 7.82
N LEU D 68 -0.78 -16.37 7.02
CA LEU D 68 -0.99 -16.47 5.59
C LEU D 68 -2.20 -17.33 5.28
N GLU D 69 -2.28 -18.48 5.93
CA GLU D 69 -3.39 -19.41 5.71
C GLU D 69 -4.69 -18.82 6.23
N ARG D 70 -4.63 -18.17 7.40
CA ARG D 70 -5.82 -17.58 8.02
C ARG D 70 -6.35 -16.27 7.42
N GLN D 71 -5.49 -15.28 7.16
CA GLN D 71 -5.97 -14.01 6.63
C GLN D 71 -5.88 -13.88 5.12
N TRP D 72 -4.97 -14.62 4.50
CA TRP D 72 -4.80 -14.53 3.07
C TRP D 72 -5.27 -15.77 2.36
N ASN D 73 -5.40 -16.85 3.12
CA ASN D 73 -5.81 -18.12 2.54
C ASN D 73 -4.77 -18.55 1.51
N MSE D 74 -3.51 -18.36 1.87
CA MSE D 74 -2.38 -18.71 1.01
C MSE D 74 -1.76 -19.94 1.65
O MSE D 74 -1.51 -19.97 2.86
CB MSE D 74 -1.39 -17.52 0.97
CG MSE D 74 -0.27 -17.59 -0.07
SE MSE D 74 1.07 -16.09 -0.04
CE MSE D 74 1.95 -16.67 1.54
N TRP D 75 -1.53 -20.97 0.86
CA TRP D 75 -0.93 -22.21 1.38
C TRP D 75 0.33 -22.51 0.62
N ILE D 76 1.45 -21.97 1.10
CA ILE D 76 2.72 -22.17 0.43
C ILE D 76 3.71 -22.93 1.31
#